data_4A29
#
_entry.id   4A29
#
_cell.length_a   53.940
_cell.length_b   62.590
_cell.length_c   79.810
_cell.angle_alpha   90.00
_cell.angle_beta   90.00
_cell.angle_gamma   90.00
#
_symmetry.space_group_name_H-M   'P 21 21 21'
#
loop_
_entity.id
_entity.type
_entity.pdbx_description
1 polymer 'ENGINEERED RETRO-ALDOL ENZYME RA95.0'
2 non-polymer 1-(6-METHOXYNAPHTHALEN-2-YL)BUTANE-1,3-DIONE
3 non-polymer D-MALATE
4 water water
#
_entity_poly.entity_id   1
_entity_poly.type   'polypeptide(L)'
_entity_poly.pdbx_seq_one_letter_code
;MPRYLKGWLEDVVQLSLRRPSVRASRQRPIISLNERILEFNKRNITAIIAVYERKSPSGLDVERDPIEYAKFMERYAVGL
SITTEEKYFNGSYETLRKIASSVSIPILMSDFIVKESQIDDAYNLGADTVLLIVKILTERELESLLEYARSYGMEPLILI
NDENDLDIALRIGARFIGIMSRDFETGEINKENQRKLISMIPSNVVKVAKLGISERNEIEELRKLGVNAFLISSSLMRNP
EKIKELIEGSLEHHHHHH
;
_entity_poly.pdbx_strand_id   A
#
# COMPACT_ATOMS: atom_id res chain seq x y z
N PRO A 2 19.58 3.69 -3.70
CA PRO A 2 18.61 4.37 -2.84
C PRO A 2 19.14 5.71 -2.36
N ARG A 3 18.28 6.51 -1.74
CA ARG A 3 18.73 7.71 -1.05
C ARG A 3 19.57 7.31 0.16
N TYR A 4 20.35 8.27 0.65
CA TYR A 4 21.03 8.09 1.92
C TYR A 4 20.11 8.56 3.03
N LEU A 5 19.79 7.64 3.91
CA LEU A 5 18.77 7.84 4.93
C LEU A 5 19.41 7.58 6.27
N LYS A 6 18.63 7.77 7.32
CA LYS A 6 19.11 7.55 8.67
C LYS A 6 18.16 6.61 9.39
N GLY A 7 18.65 6.10 10.51
CA GLY A 7 17.81 5.35 11.42
C GLY A 7 17.21 4.11 10.79
N TRP A 8 16.00 3.79 11.24
CA TRP A 8 15.35 2.55 10.84
C TRP A 8 15.12 2.49 9.34
N LEU A 9 14.88 3.64 8.72
N LEU A 9 14.93 3.64 8.70
CA LEU A 9 14.61 3.63 7.29
CA LEU A 9 14.67 3.67 7.25
C LEU A 9 15.88 3.24 6.51
C LEU A 9 15.90 3.26 6.48
N GLU A 10 17.05 3.74 6.91
CA GLU A 10 18.29 3.29 6.30
C GLU A 10 18.46 1.77 6.49
N ASP A 11 18.16 1.28 7.69
CA ASP A 11 18.33 -0.12 7.96
C ASP A 11 17.41 -0.96 7.08
N VAL A 12 16.15 -0.58 6.95
N VAL A 12 16.15 -0.57 6.98
CA VAL A 12 15.24 -1.40 6.18
CA VAL A 12 15.19 -1.29 6.16
C VAL A 12 15.59 -1.37 4.68
C VAL A 12 15.71 -1.39 4.74
N VAL A 13 16.14 -0.27 4.20
CA VAL A 13 16.66 -0.23 2.83
C VAL A 13 17.83 -1.21 2.63
N GLN A 14 18.76 -1.25 3.56
CA GLN A 14 19.90 -2.16 3.43
C GLN A 14 19.42 -3.60 3.46
N LEU A 15 18.45 -3.87 4.30
N LEU A 15 18.48 -3.89 4.34
CA LEU A 15 17.90 -5.20 4.36
CA LEU A 15 17.83 -5.20 4.38
C LEU A 15 17.20 -5.57 3.06
C LEU A 15 17.29 -5.51 3.00
N SER A 16 16.48 -4.60 2.48
CA SER A 16 15.78 -4.87 1.26
C SER A 16 16.74 -5.12 0.07
N LEU A 17 17.88 -4.44 0.07
CA LEU A 17 18.87 -4.65 -0.99
C LEU A 17 19.32 -6.10 -1.03
N ARG A 18 19.32 -6.77 0.12
CA ARG A 18 19.75 -8.16 0.20
C ARG A 18 18.61 -9.19 0.28
N ARG A 19 17.37 -8.78 0.04
CA ARG A 19 16.23 -9.66 0.13
C ARG A 19 16.35 -10.78 -0.92
N PRO A 20 16.38 -12.07 -0.52
CA PRO A 20 16.43 -13.10 -1.55
C PRO A 20 15.14 -13.18 -2.34
N SER A 21 15.28 -13.34 -3.66
CA SER A 21 14.14 -13.46 -4.53
C SER A 21 13.57 -14.88 -4.53
N VAL A 22 12.32 -14.98 -4.99
N VAL A 22 12.34 -14.99 -5.03
CA VAL A 22 11.62 -16.25 -5.02
CA VAL A 22 11.58 -16.23 -4.98
C VAL A 22 11.54 -16.81 -6.43
C VAL A 22 11.36 -16.77 -6.40
N ARG A 23 11.23 -18.09 -6.50
CA ARG A 23 10.87 -18.76 -7.75
C ARG A 23 9.45 -19.30 -7.56
N ALA A 24 8.51 -18.79 -8.35
CA ALA A 24 7.11 -19.13 -8.21
C ALA A 24 6.38 -18.71 -9.48
N SER A 25 5.23 -19.31 -9.75
N SER A 25 5.21 -19.31 -9.69
CA SER A 25 4.39 -18.88 -10.86
CA SER A 25 4.33 -18.99 -10.82
C SER A 25 2.98 -18.56 -10.41
C SER A 25 2.98 -18.53 -10.30
N ARG A 26 2.51 -17.36 -10.74
CA ARG A 26 1.21 -16.89 -10.30
C ARG A 26 0.10 -17.73 -10.96
N GLN A 27 -1.07 -17.71 -10.34
CA GLN A 27 -2.14 -18.63 -10.70
C GLN A 27 -3.23 -17.97 -11.53
N ARG A 28 -3.17 -16.66 -11.71
CA ARG A 28 -4.19 -15.94 -12.46
C ARG A 28 -3.59 -14.65 -13.01
N PRO A 29 -4.25 -14.05 -14.01
CA PRO A 29 -3.77 -12.77 -14.53
C PRO A 29 -3.86 -11.65 -13.49
N ILE A 30 -3.16 -10.57 -13.75
CA ILE A 30 -3.33 -9.32 -12.99
C ILE A 30 -4.79 -8.85 -13.03
N ILE A 31 -5.28 -8.45 -11.87
CA ILE A 31 -6.52 -7.71 -11.76
C ILE A 31 -6.17 -6.30 -11.31
N SER A 32 -6.53 -5.30 -12.10
CA SER A 32 -6.07 -3.94 -11.84
C SER A 32 -6.74 -3.36 -10.60
N LEU A 33 -5.93 -3.04 -9.60
CA LEU A 33 -6.44 -2.46 -8.36
C LEU A 33 -6.96 -1.03 -8.59
N ASN A 34 -6.20 -0.22 -9.32
CA ASN A 34 -6.64 1.14 -9.57
C ASN A 34 -7.92 1.20 -10.39
N GLU A 35 -8.07 0.31 -11.38
CA GLU A 35 -9.34 0.27 -12.12
C GLU A 35 -10.51 -0.22 -11.26
N ARG A 36 -10.31 -1.17 -10.36
N ARG A 36 -10.24 -1.14 -10.36
CA ARG A 36 -11.44 -1.58 -9.50
CA ARG A 36 -11.28 -1.64 -9.49
C ARG A 36 -11.83 -0.45 -8.58
C ARG A 36 -11.77 -0.52 -8.56
N ILE A 37 -10.85 0.30 -8.08
CA ILE A 37 -11.19 1.47 -7.27
C ILE A 37 -12.11 2.43 -8.04
N LEU A 38 -11.76 2.71 -9.30
CA LEU A 38 -12.59 3.61 -10.09
C LEU A 38 -14.01 3.05 -10.27
N GLU A 39 -14.13 1.74 -10.40
CA GLU A 39 -15.45 1.10 -10.47
C GLU A 39 -16.26 1.34 -9.19
N PHE A 40 -15.62 1.18 -8.03
CA PHE A 40 -16.31 1.39 -6.76
C PHE A 40 -16.74 2.85 -6.65
N ASN A 41 -15.89 3.76 -7.09
CA ASN A 41 -16.22 5.20 -7.03
C ASN A 41 -17.52 5.48 -7.82
N LYS A 42 -17.62 4.89 -8.98
CA LYS A 42 -18.80 5.12 -9.84
C LYS A 42 -20.06 4.80 -9.06
N ARG A 43 -19.98 3.76 -8.25
CA ARG A 43 -21.14 3.18 -7.59
C ARG A 43 -21.32 3.70 -6.17
N ASN A 44 -20.50 4.66 -5.78
CA ASN A 44 -20.57 5.21 -4.44
C ASN A 44 -20.48 4.13 -3.36
N ILE A 45 -19.55 3.17 -3.57
CA ILE A 45 -19.19 2.20 -2.55
C ILE A 45 -17.83 2.63 -2.10
N THR A 46 -17.75 3.00 -0.84
CA THR A 46 -16.48 3.36 -0.26
C THR A 46 -15.46 2.26 -0.55
N ALA A 47 -14.28 2.65 -1.04
CA ALA A 47 -13.25 1.71 -1.48
C ALA A 47 -12.11 1.67 -0.47
N ILE A 48 -12.08 0.60 0.31
CA ILE A 48 -11.09 0.41 1.37
C ILE A 48 -10.17 -0.74 0.98
N ILE A 49 -8.86 -0.45 0.95
CA ILE A 49 -7.83 -1.46 0.79
C ILE A 49 -7.44 -1.86 2.20
N ALA A 50 -7.85 -3.05 2.63
CA ALA A 50 -7.56 -3.51 3.99
C ALA A 50 -6.16 -4.07 4.03
N VAL A 51 -5.39 -3.63 5.02
CA VAL A 51 -4.01 -4.07 5.19
C VAL A 51 -3.94 -5.27 6.13
N TYR A 52 -3.21 -6.32 5.71
CA TYR A 52 -2.75 -7.34 6.62
C TYR A 52 -1.29 -7.08 6.97
N GLU A 53 -1.04 -6.70 8.23
N GLU A 53 -1.10 -6.76 8.25
CA GLU A 53 0.32 -6.69 8.77
CA GLU A 53 0.16 -6.26 8.75
C GLU A 53 0.27 -6.90 10.27
C GLU A 53 0.16 -6.64 10.23
N ARG A 54 1.14 -7.77 10.76
N ARG A 54 1.15 -7.40 10.66
CA ARG A 54 1.17 -8.06 12.18
CA ARG A 54 1.18 -7.97 12.01
C ARG A 54 1.74 -6.89 13.00
C ARG A 54 1.84 -7.01 13.00
N LYS A 55 2.76 -6.21 12.48
CA LYS A 55 3.50 -5.25 13.28
C LYS A 55 3.77 -4.01 12.46
N SER A 56 3.98 -2.90 13.14
N SER A 56 4.00 -2.90 13.13
CA SER A 56 4.45 -1.70 12.48
CA SER A 56 4.43 -1.68 12.47
C SER A 56 5.25 -0.86 13.46
C SER A 56 5.19 -0.79 13.44
N PRO A 57 6.21 -0.08 12.95
CA PRO A 57 6.89 0.92 13.79
C PRO A 57 5.94 1.97 14.34
N SER A 58 4.71 2.06 13.85
CA SER A 58 3.71 2.97 14.40
C SER A 58 3.13 2.50 15.73
N GLY A 59 3.37 1.25 16.12
CA GLY A 59 2.88 0.72 17.39
C GLY A 59 1.91 -0.45 17.34
N LEU A 60 1.58 -0.95 16.15
CA LEU A 60 0.78 -2.17 16.04
C LEU A 60 1.65 -3.39 16.31
N ASP A 61 1.14 -4.36 17.08
CA ASP A 61 1.87 -5.62 17.31
C ASP A 61 0.88 -6.70 17.71
N VAL A 62 0.38 -7.43 16.72
CA VAL A 62 -0.66 -8.42 16.95
C VAL A 62 -0.36 -9.71 16.19
N GLU A 63 -1.12 -10.73 16.53
CA GLU A 63 -1.18 -11.97 15.77
C GLU A 63 -2.61 -12.15 15.31
N ARG A 64 -2.78 -12.58 14.07
CA ARG A 64 -4.08 -12.86 13.48
C ARG A 64 -3.88 -13.79 12.31
N ASP A 65 -4.75 -14.78 12.15
CA ASP A 65 -4.57 -15.68 11.02
C ASP A 65 -4.77 -14.93 9.70
N PRO A 66 -3.80 -15.05 8.77
CA PRO A 66 -3.93 -14.24 7.54
C PRO A 66 -5.07 -14.67 6.63
N ILE A 67 -5.32 -15.97 6.53
CA ILE A 67 -6.40 -16.45 5.67
CA ILE A 67 -6.38 -16.44 5.64
C ILE A 67 -7.77 -16.09 6.22
N GLU A 68 -7.95 -16.25 7.52
CA GLU A 68 -9.22 -15.85 8.13
C GLU A 68 -9.47 -14.36 7.93
N TYR A 69 -8.45 -13.54 8.11
CA TYR A 69 -8.61 -12.10 7.89
C TYR A 69 -8.95 -11.80 6.43
N ALA A 70 -8.21 -12.40 5.53
CA ALA A 70 -8.44 -12.13 4.11
C ALA A 70 -9.83 -12.56 3.66
N LYS A 71 -10.27 -13.73 4.10
CA LYS A 71 -11.58 -14.22 3.68
CA LYS A 71 -11.59 -14.21 3.68
C LYS A 71 -12.71 -13.35 4.25
N PHE A 72 -12.54 -12.82 5.45
CA PHE A 72 -13.50 -11.86 5.98
C PHE A 72 -13.52 -10.60 5.12
N MET A 73 -12.32 -10.07 4.84
CA MET A 73 -12.22 -8.81 4.11
C MET A 73 -12.66 -8.90 2.65
N GLU A 74 -12.57 -10.09 2.07
CA GLU A 74 -12.97 -10.29 0.69
C GLU A 74 -14.39 -9.80 0.44
N ARG A 75 -15.24 -9.90 1.46
CA ARG A 75 -16.65 -9.53 1.39
C ARG A 75 -16.87 -7.99 1.22
N TYR A 76 -15.90 -7.19 1.67
CA TYR A 76 -16.09 -5.75 1.92
C TYR A 76 -15.07 -4.86 1.24
N ALA A 77 -13.81 -5.30 1.19
CA ALA A 77 -12.72 -4.46 0.77
C ALA A 77 -12.63 -4.39 -0.76
N VAL A 78 -12.09 -3.27 -1.27
CA VAL A 78 -11.82 -3.18 -2.69
C VAL A 78 -10.60 -4.02 -3.10
N GLY A 79 -9.70 -4.20 -2.14
CA GLY A 79 -8.48 -4.94 -2.37
C GLY A 79 -7.86 -5.18 -1.01
N LEU A 80 -6.80 -5.99 -0.98
CA LEU A 80 -5.98 -6.20 0.22
C LEU A 80 -4.57 -5.72 -0.03
N SER A 81 -3.92 -5.21 1.00
CA SER A 81 -2.50 -4.92 0.99
C SER A 81 -1.80 -5.83 1.98
N ILE A 82 -0.78 -6.51 1.54
CA ILE A 82 -0.04 -7.41 2.42
CA ILE A 82 -0.03 -7.41 2.43
C ILE A 82 1.36 -6.85 2.60
N THR A 83 1.70 -6.50 3.84
CA THR A 83 3.04 -5.97 4.12
C THR A 83 4.02 -7.12 4.24
N THR A 84 4.99 -7.19 3.32
CA THR A 84 5.92 -8.30 3.24
C THR A 84 7.27 -7.99 3.86
N GLU A 85 7.47 -6.78 4.38
CA GLU A 85 8.72 -6.44 5.06
C GLU A 85 8.82 -7.25 6.35
N GLU A 86 9.97 -7.87 6.58
CA GLU A 86 10.11 -8.86 7.65
C GLU A 86 10.46 -8.31 9.03
N LYS A 87 11.39 -7.36 9.09
CA LYS A 87 12.02 -7.04 10.36
C LYS A 87 11.18 -6.12 11.22
N TYR A 88 10.55 -5.13 10.58
CA TYR A 88 9.81 -4.10 11.28
C TYR A 88 8.30 -4.33 11.24
N PHE A 89 7.85 -5.09 10.24
CA PHE A 89 6.42 -5.33 10.04
C PHE A 89 6.03 -6.80 10.22
N ASN A 90 6.99 -7.69 10.48
CA ASN A 90 6.71 -9.10 10.71
C ASN A 90 5.98 -9.77 9.54
N GLY A 91 6.26 -9.28 8.34
CA GLY A 91 5.68 -9.84 7.15
C GLY A 91 6.52 -10.95 6.55
N SER A 92 5.97 -11.56 5.50
CA SER A 92 6.70 -12.59 4.77
C SER A 92 6.11 -12.77 3.38
N TYR A 93 6.93 -13.28 2.47
CA TYR A 93 6.48 -13.65 1.15
C TYR A 93 5.44 -14.78 1.18
N GLU A 94 5.60 -15.75 2.05
CA GLU A 94 4.60 -16.82 2.18
C GLU A 94 3.23 -16.27 2.58
N THR A 95 3.21 -15.25 3.42
CA THR A 95 1.94 -14.62 3.83
C THR A 95 1.22 -14.05 2.60
N LEU A 96 1.96 -13.33 1.76
CA LEU A 96 1.42 -12.82 0.51
C LEU A 96 0.91 -13.95 -0.38
N ARG A 97 1.73 -14.99 -0.57
CA ARG A 97 1.34 -16.10 -1.44
CA ARG A 97 1.33 -16.08 -1.45
C ARG A 97 0.01 -16.69 -0.99
N LYS A 98 -0.10 -16.98 0.31
CA LYS A 98 -1.29 -17.64 0.84
C LYS A 98 -2.53 -16.77 0.70
N ILE A 99 -2.40 -15.48 1.01
CA ILE A 99 -3.54 -14.60 0.92
C ILE A 99 -3.97 -14.43 -0.54
N ALA A 100 -3.02 -14.20 -1.44
CA ALA A 100 -3.34 -13.93 -2.82
C ALA A 100 -4.03 -15.13 -3.47
N SER A 101 -3.67 -16.32 -2.98
N SER A 101 -3.66 -16.34 -3.08
CA SER A 101 -4.26 -17.59 -3.41
CA SER A 101 -4.30 -17.52 -3.66
C SER A 101 -5.58 -17.94 -2.70
C SER A 101 -5.69 -17.78 -3.06
N SER A 102 -5.98 -17.17 -1.70
N SER A 102 -5.97 -17.19 -1.90
CA SER A 102 -7.19 -17.47 -0.93
CA SER A 102 -7.16 -17.54 -1.11
C SER A 102 -8.39 -16.59 -1.26
C SER A 102 -8.40 -16.70 -1.45
N VAL A 103 -8.20 -15.52 -2.03
CA VAL A 103 -9.29 -14.60 -2.30
C VAL A 103 -9.22 -14.14 -3.75
N SER A 104 -10.30 -13.47 -4.16
N SER A 104 -10.28 -13.49 -4.23
CA SER A 104 -10.54 -13.13 -5.56
CA SER A 104 -10.32 -13.12 -5.64
C SER A 104 -10.25 -11.65 -5.88
C SER A 104 -10.44 -11.61 -5.86
N ILE A 105 -10.08 -10.82 -4.85
CA ILE A 105 -9.98 -9.36 -5.02
C ILE A 105 -8.50 -8.97 -5.19
N PRO A 106 -8.25 -7.79 -5.76
CA PRO A 106 -6.87 -7.43 -6.08
C PRO A 106 -5.99 -7.20 -4.86
N ILE A 107 -4.69 -7.42 -5.05
N ILE A 107 -4.70 -7.40 -5.08
CA ILE A 107 -3.74 -7.43 -3.95
CA ILE A 107 -3.70 -7.50 -4.04
C ILE A 107 -2.52 -6.58 -4.20
C ILE A 107 -2.57 -6.49 -4.27
N LEU A 108 -2.28 -5.68 -3.26
CA LEU A 108 -1.09 -4.82 -3.24
C LEU A 108 -0.03 -5.46 -2.36
N MET A 109 1.20 -5.61 -2.87
N MET A 109 1.18 -5.57 -2.91
CA MET A 109 2.34 -5.94 -2.01
CA MET A 109 2.36 -5.98 -2.15
C MET A 109 2.95 -4.66 -1.47
C MET A 109 3.06 -4.73 -1.63
N SER A 110 3.15 -4.63 -0.14
N SER A 110 2.99 -4.51 -0.32
CA SER A 110 3.55 -3.43 0.56
CA SER A 110 3.62 -3.37 0.34
C SER A 110 4.91 -3.70 1.22
C SER A 110 4.90 -3.78 1.06
N ASP A 111 5.97 -3.07 0.72
CA ASP A 111 7.31 -3.33 1.20
C ASP A 111 8.15 -2.10 0.85
N PHE A 112 9.46 -2.22 1.01
CA PHE A 112 10.42 -1.18 0.70
C PHE A 112 11.20 -1.62 -0.51
N ILE A 113 10.65 -1.29 -1.68
N ILE A 113 10.67 -1.30 -1.68
CA ILE A 113 11.21 -1.75 -2.95
CA ILE A 113 11.22 -1.84 -2.93
C ILE A 113 12.42 -0.90 -3.30
C ILE A 113 12.35 -0.96 -3.44
N VAL A 114 13.52 -1.58 -3.57
CA VAL A 114 14.73 -0.91 -4.01
C VAL A 114 15.43 -1.60 -5.17
N LYS A 115 14.91 -2.75 -5.61
CA LYS A 115 15.51 -3.50 -6.72
C LYS A 115 14.43 -4.25 -7.48
N GLU A 116 14.72 -4.51 -8.75
CA GLU A 116 13.76 -5.15 -9.64
C GLU A 116 13.30 -6.51 -9.15
N SER A 117 14.18 -7.28 -8.52
CA SER A 117 13.74 -8.62 -8.14
C SER A 117 12.61 -8.61 -7.12
N GLN A 118 12.45 -7.53 -6.35
CA GLN A 118 11.33 -7.46 -5.43
C GLN A 118 10.01 -7.30 -6.19
N ILE A 119 10.01 -6.61 -7.33
CA ILE A 119 8.84 -6.55 -8.19
C ILE A 119 8.58 -7.92 -8.83
N ASP A 120 9.63 -8.60 -9.26
CA ASP A 120 9.48 -9.98 -9.74
C ASP A 120 8.82 -10.83 -8.65
N ASP A 121 9.28 -10.67 -7.40
CA ASP A 121 8.72 -11.45 -6.30
C ASP A 121 7.24 -11.19 -6.15
N ALA A 122 6.84 -9.92 -6.12
CA ALA A 122 5.43 -9.58 -5.99
C ALA A 122 4.62 -10.25 -7.10
N TYR A 123 5.08 -10.11 -8.35
CA TYR A 123 4.34 -10.67 -9.49
C TYR A 123 4.23 -12.19 -9.35
N ASN A 124 5.35 -12.84 -9.06
CA ASN A 124 5.37 -14.28 -9.03
C ASN A 124 4.59 -14.87 -7.88
N LEU A 125 4.40 -14.10 -6.80
CA LEU A 125 3.64 -14.55 -5.65
C LEU A 125 2.15 -14.24 -5.75
N GLY A 126 1.74 -13.53 -6.81
CA GLY A 126 0.32 -13.31 -7.07
C GLY A 126 -0.18 -11.89 -6.85
N ALA A 127 0.69 -10.95 -6.45
CA ALA A 127 0.21 -9.59 -6.26
C ALA A 127 -0.17 -8.96 -7.58
N ASP A 128 -1.09 -8.01 -7.51
CA ASP A 128 -1.55 -7.26 -8.68
C ASP A 128 -0.84 -5.94 -8.85
N THR A 129 -0.20 -5.44 -7.79
CA THR A 129 0.59 -4.24 -7.88
C THR A 129 1.51 -4.18 -6.65
N VAL A 130 2.37 -3.16 -6.65
CA VAL A 130 3.38 -2.97 -5.64
C VAL A 130 3.38 -1.53 -5.17
N LEU A 131 3.86 -1.31 -3.96
N LEU A 131 3.74 -1.32 -3.91
CA LEU A 131 4.08 0.02 -3.41
CA LEU A 131 4.14 0.00 -3.38
C LEU A 131 5.51 0.46 -3.77
C LEU A 131 5.51 0.40 -3.93
N LEU A 132 5.65 1.69 -4.25
CA LEU A 132 6.97 2.33 -4.41
C LEU A 132 6.96 3.60 -3.55
N ILE A 133 8.06 3.87 -2.87
CA ILE A 133 8.12 4.94 -1.89
C ILE A 133 9.12 5.99 -2.35
N VAL A 134 8.61 7.20 -2.63
CA VAL A 134 9.46 8.23 -3.23
C VAL A 134 10.67 8.53 -2.34
N LYS A 135 10.45 8.62 -1.03
N LYS A 135 10.48 8.52 -1.04
CA LYS A 135 11.50 9.05 -0.10
CA LYS A 135 11.49 9.03 -0.12
C LYS A 135 12.74 8.17 -0.11
C LYS A 135 12.68 8.10 0.08
N ILE A 136 12.60 6.88 -0.44
CA ILE A 136 13.74 5.97 -0.30
C ILE A 136 14.55 5.83 -1.58
N LEU A 137 14.05 6.38 -2.69
CA LEU A 137 14.65 6.17 -3.99
C LEU A 137 15.11 7.49 -4.59
N THR A 138 16.15 7.46 -5.41
CA THR A 138 16.43 8.63 -6.23
C THR A 138 15.32 8.75 -7.30
N GLU A 139 15.20 9.92 -7.92
CA GLU A 139 14.19 10.09 -8.93
C GLU A 139 14.42 9.09 -10.10
N ARG A 140 15.68 8.90 -10.49
CA ARG A 140 15.99 7.96 -11.56
C ARG A 140 15.59 6.52 -11.18
N GLU A 141 15.88 6.12 -9.96
CA GLU A 141 15.53 4.79 -9.49
C GLU A 141 14.02 4.61 -9.51
N LEU A 142 13.29 5.60 -9.02
CA LEU A 142 11.85 5.50 -8.95
C LEU A 142 11.27 5.40 -10.36
N GLU A 143 11.75 6.23 -11.26
N GLU A 143 11.77 6.21 -11.28
CA GLU A 143 11.30 6.15 -12.63
CA GLU A 143 11.25 6.14 -12.64
C GLU A 143 11.53 4.77 -13.24
C GLU A 143 11.56 4.79 -13.31
N SER A 144 12.73 4.23 -13.03
CA SER A 144 13.06 2.93 -13.57
C SER A 144 12.17 1.81 -13.00
N LEU A 145 11.92 1.84 -11.69
CA LEU A 145 11.10 0.82 -11.05
C LEU A 145 9.62 0.97 -11.45
N LEU A 146 9.18 2.21 -11.66
N LEU A 146 9.17 2.21 -11.67
CA LEU A 146 7.83 2.46 -12.16
CA LEU A 146 7.81 2.43 -12.19
C LEU A 146 7.62 1.89 -13.57
C LEU A 146 7.69 1.75 -13.54
N GLU A 147 8.64 2.00 -14.42
CA GLU A 147 8.63 1.39 -15.72
C GLU A 147 8.66 -0.15 -15.60
N TYR A 148 9.48 -0.66 -14.69
CA TYR A 148 9.60 -2.11 -14.57
C TYR A 148 8.27 -2.73 -14.11
N ALA A 149 7.62 -2.12 -13.13
CA ALA A 149 6.29 -2.59 -12.71
C ALA A 149 5.31 -2.57 -13.88
N ARG A 150 5.31 -1.47 -14.62
CA ARG A 150 4.39 -1.36 -15.75
C ARG A 150 4.66 -2.45 -16.79
N SER A 151 5.90 -2.90 -16.91
CA SER A 151 6.24 -3.94 -17.89
C SER A 151 5.58 -5.27 -17.55
N TYR A 152 5.15 -5.44 -16.30
CA TYR A 152 4.34 -6.59 -15.87
C TYR A 152 2.84 -6.34 -15.94
N GLY A 153 2.44 -5.15 -16.35
CA GLY A 153 1.04 -4.79 -16.32
C GLY A 153 0.56 -4.28 -14.97
N MET A 154 1.47 -3.86 -14.10
N MET A 154 1.49 -3.88 -14.13
CA MET A 154 1.10 -3.39 -12.75
CA MET A 154 1.17 -3.27 -12.85
C MET A 154 1.33 -1.87 -12.62
C MET A 154 1.23 -1.78 -12.96
N GLU A 155 0.27 -1.10 -12.35
CA GLU A 155 0.42 0.32 -12.07
C GLU A 155 0.72 0.42 -10.58
N PRO A 156 1.96 0.80 -10.22
N PRO A 156 1.97 0.74 -10.21
CA PRO A 156 2.32 0.82 -8.80
CA PRO A 156 2.31 0.78 -8.78
C PRO A 156 1.59 1.92 -8.07
C PRO A 156 1.67 1.95 -8.04
N LEU A 157 1.43 1.74 -6.75
CA LEU A 157 0.99 2.79 -5.86
C LEU A 157 2.22 3.53 -5.36
N ILE A 158 2.25 4.83 -5.65
N ILE A 158 2.39 4.77 -5.80
CA ILE A 158 3.44 5.67 -5.51
CA ILE A 158 3.58 5.56 -5.47
C ILE A 158 3.27 6.55 -4.26
C ILE A 158 3.23 6.42 -4.27
N LEU A 159 3.96 6.20 -3.18
CA LEU A 159 3.67 6.78 -1.87
C LEU A 159 4.45 8.06 -1.63
N ILE A 160 3.73 9.13 -1.29
CA ILE A 160 4.30 10.44 -1.04
C ILE A 160 4.07 10.87 0.40
N ASN A 161 4.98 11.70 0.88
CA ASN A 161 4.92 12.22 2.23
C ASN A 161 4.95 13.75 2.28
N ASP A 162 5.24 14.41 1.17
CA ASP A 162 5.36 15.85 1.13
C ASP A 162 5.33 16.33 -0.32
N GLU A 163 5.38 17.65 -0.49
N GLU A 163 5.43 17.64 -0.50
CA GLU A 163 5.32 18.26 -1.81
CA GLU A 163 5.30 18.23 -1.83
C GLU A 163 6.52 17.89 -2.66
C GLU A 163 6.55 18.04 -2.67
N ASN A 164 7.68 17.74 -2.02
CA ASN A 164 8.89 17.38 -2.73
C ASN A 164 8.71 16.00 -3.39
N ASP A 165 8.15 15.05 -2.63
CA ASP A 165 7.82 13.74 -3.19
C ASP A 165 6.80 13.85 -4.32
N LEU A 166 5.79 14.70 -4.14
CA LEU A 166 4.76 14.87 -5.17
C LEU A 166 5.33 15.40 -6.47
N ASP A 167 6.24 16.36 -6.37
CA ASP A 167 6.92 16.94 -7.55
C ASP A 167 7.56 15.83 -8.38
N ILE A 168 8.27 14.93 -7.72
CA ILE A 168 8.89 13.80 -8.39
C ILE A 168 7.84 12.89 -9.01
N ALA A 169 6.83 12.52 -8.22
CA ALA A 169 5.84 11.56 -8.67
C ALA A 169 5.11 12.04 -9.92
N LEU A 170 4.72 13.31 -9.93
CA LEU A 170 4.00 13.82 -11.09
C LEU A 170 4.93 13.92 -12.29
N ARG A 171 6.18 14.33 -12.09
CA ARG A 171 7.11 14.48 -13.21
C ARG A 171 7.30 13.17 -13.95
N ILE A 172 7.37 12.07 -13.21
CA ILE A 172 7.56 10.77 -13.85
C ILE A 172 6.27 10.13 -14.32
N GLY A 173 5.14 10.80 -14.08
CA GLY A 173 3.86 10.36 -14.63
C GLY A 173 3.19 9.28 -13.81
N ALA A 174 3.34 9.31 -12.49
CA ALA A 174 2.56 8.43 -11.62
C ALA A 174 1.07 8.63 -11.88
N ARG A 175 0.33 7.53 -11.98
CA ARG A 175 -1.12 7.58 -12.14
C ARG A 175 -1.89 7.06 -10.92
N PHE A 176 -1.17 6.61 -9.89
CA PHE A 176 -1.79 5.97 -8.72
C PHE A 176 -0.90 6.37 -7.56
N ILE A 177 -1.39 7.30 -6.74
CA ILE A 177 -0.56 7.91 -5.70
C ILE A 177 -1.21 7.66 -4.34
N GLY A 178 -0.38 7.23 -3.40
CA GLY A 178 -0.80 7.12 -2.02
C GLY A 178 -0.24 8.28 -1.22
N ILE A 179 -1.06 8.82 -0.33
CA ILE A 179 -0.67 9.97 0.47
C ILE A 179 -0.59 9.53 1.93
N MET A 180 0.61 9.55 2.50
N MET A 180 0.60 9.61 2.50
CA MET A 180 0.82 9.13 3.87
CA MET A 180 0.85 9.27 3.88
C MET A 180 0.15 10.09 4.84
C MET A 180 0.02 10.12 4.83
N SER A 181 -0.22 9.57 6.02
CA SER A 181 -0.67 10.38 7.14
C SER A 181 0.40 10.54 8.21
N ARG A 182 1.40 9.64 8.25
CA ARG A 182 2.47 9.70 9.27
C ARG A 182 3.75 10.15 8.58
N ASP A 183 4.46 11.07 9.23
N ASP A 183 4.44 11.11 9.18
CA ASP A 183 5.62 11.77 8.68
CA ASP A 183 5.61 11.68 8.55
C ASP A 183 6.91 10.95 8.90
C ASP A 183 6.84 10.85 8.87
N PHE A 184 7.62 10.58 7.83
CA PHE A 184 8.89 9.88 8.00
C PHE A 184 9.86 10.66 8.89
N GLU A 185 9.84 11.98 8.84
CA GLU A 185 10.87 12.76 9.54
C GLU A 185 10.61 12.84 11.04
N THR A 186 9.34 12.88 11.44
CA THR A 186 9.00 13.14 12.82
C THR A 186 8.38 11.95 13.53
N GLY A 187 7.93 10.96 12.77
CA GLY A 187 7.23 9.83 13.35
C GLY A 187 5.80 10.12 13.75
N GLU A 188 5.31 11.32 13.40
CA GLU A 188 4.01 11.80 13.86
C GLU A 188 2.95 11.82 12.78
N ILE A 189 1.73 11.47 13.16
N ILE A 189 1.72 11.52 13.18
CA ILE A 189 0.57 11.72 12.34
CA ILE A 189 0.56 11.71 12.34
C ILE A 189 0.47 13.21 12.03
C ILE A 189 0.33 13.19 12.06
N ASN A 190 0.14 13.51 10.78
CA ASN A 190 -0.05 14.88 10.36
C ASN A 190 -1.17 14.92 9.31
N LYS A 191 -2.40 14.99 9.80
CA LYS A 191 -3.56 14.89 8.92
C LYS A 191 -3.73 16.13 8.05
N GLU A 192 -3.36 17.29 8.57
CA GLU A 192 -3.49 18.52 7.81
C GLU A 192 -2.60 18.47 6.57
N ASN A 193 -1.37 18.00 6.73
N ASN A 193 -1.37 18.02 6.72
CA ASN A 193 -0.45 17.88 5.59
CA ASN A 193 -0.51 17.93 5.55
C ASN A 193 -0.98 16.90 4.56
C ASN A 193 -1.09 16.95 4.55
N GLN A 194 -1.60 15.81 5.02
CA GLN A 194 -2.17 14.84 4.12
C GLN A 194 -3.28 15.47 3.26
N ARG A 195 -4.15 16.26 3.88
N ARG A 195 -4.14 16.23 3.92
CA ARG A 195 -5.22 16.92 3.11
CA ARG A 195 -5.21 16.96 3.23
C ARG A 195 -4.68 17.95 2.12
C ARG A 195 -4.64 17.88 2.16
N LYS A 196 -3.67 18.71 2.53
N LYS A 196 -3.63 18.66 2.53
CA LYS A 196 -3.04 19.65 1.61
CA LYS A 196 -3.07 19.64 1.60
C LYS A 196 -2.53 18.90 0.37
C LYS A 196 -2.46 18.95 0.37
N LEU A 197 -1.77 17.84 0.58
CA LEU A 197 -1.18 17.10 -0.53
C LEU A 197 -2.27 16.56 -1.44
N ILE A 198 -3.33 16.01 -0.85
CA ILE A 198 -4.42 15.49 -1.66
C ILE A 198 -4.94 16.57 -2.61
N SER A 199 -5.06 17.79 -2.11
CA SER A 199 -5.58 18.89 -2.90
C SER A 199 -4.66 19.37 -4.02
N MET A 200 -3.43 18.87 -4.05
CA MET A 200 -2.44 19.24 -5.07
C MET A 200 -2.32 18.20 -6.20
N ILE A 201 -3.05 17.10 -6.09
CA ILE A 201 -2.92 16.03 -7.06
C ILE A 201 -3.99 16.19 -8.15
N PRO A 202 -3.59 16.13 -9.43
CA PRO A 202 -4.56 16.27 -10.51
C PRO A 202 -5.62 15.18 -10.52
N SER A 203 -6.76 15.51 -11.13
CA SER A 203 -7.94 14.66 -11.07
C SER A 203 -7.75 13.34 -11.80
N ASN A 204 -6.80 13.29 -12.74
CA ASN A 204 -6.57 12.05 -13.48
C ASN A 204 -5.72 11.02 -12.75
N VAL A 205 -5.27 11.34 -11.54
CA VAL A 205 -4.53 10.41 -10.72
C VAL A 205 -5.49 9.77 -9.72
N VAL A 206 -5.43 8.44 -9.59
CA VAL A 206 -6.18 7.75 -8.55
C VAL A 206 -5.44 7.93 -7.23
N LYS A 207 -6.13 8.47 -6.23
N LYS A 207 -6.17 8.45 -6.25
CA LYS A 207 -5.49 8.91 -5.00
CA LYS A 207 -5.61 8.92 -4.98
C LYS A 207 -5.99 8.08 -3.81
C LYS A 207 -6.00 7.96 -3.86
N VAL A 208 -5.03 7.55 -3.05
CA VAL A 208 -5.29 6.67 -1.92
C VAL A 208 -4.76 7.32 -0.65
N ALA A 209 -5.64 7.55 0.34
CA ALA A 209 -5.21 8.04 1.64
C ALA A 209 -4.79 6.89 2.54
N LYS A 210 -3.57 6.95 3.08
CA LYS A 210 -3.02 5.85 3.91
C LYS A 210 -3.22 6.24 5.35
N LEU A 211 -3.83 5.31 6.11
CA LEU A 211 -4.29 5.56 7.49
C LEU A 211 -4.10 4.33 8.35
N GLY A 212 -3.78 4.56 9.62
CA GLY A 212 -3.80 3.48 10.59
C GLY A 212 -5.12 3.36 11.31
N ILE A 213 -5.32 4.31 12.22
CA ILE A 213 -6.62 4.47 12.84
C ILE A 213 -7.50 5.30 11.91
N SER A 214 -8.75 4.90 11.74
CA SER A 214 -9.71 5.84 11.15
C SER A 214 -11.15 5.63 11.58
N GLU A 215 -12.01 6.52 11.10
CA GLU A 215 -13.41 6.60 11.51
C GLU A 215 -14.21 7.03 10.30
N ARG A 216 -15.51 6.74 10.29
CA ARG A 216 -16.33 6.98 9.11
C ARG A 216 -16.38 8.46 8.74
N ASN A 217 -16.51 9.32 9.74
CA ASN A 217 -16.53 10.76 9.49
C ASN A 217 -15.36 11.22 8.64
N GLU A 218 -14.17 10.78 9.01
CA GLU A 218 -12.96 11.17 8.32
C GLU A 218 -12.97 10.63 6.90
N ILE A 219 -13.45 9.40 6.72
CA ILE A 219 -13.54 8.82 5.38
C ILE A 219 -14.44 9.67 4.49
N GLU A 220 -15.60 10.07 5.02
CA GLU A 220 -16.54 10.88 4.24
C GLU A 220 -15.94 12.24 3.85
N GLU A 221 -15.22 12.87 4.77
CA GLU A 221 -14.64 14.18 4.48
C GLU A 221 -13.58 14.05 3.38
N LEU A 222 -12.77 13.00 3.46
CA LEU A 222 -11.68 12.85 2.53
C LEU A 222 -12.21 12.50 1.15
N ARG A 223 -13.28 11.72 1.13
CA ARG A 223 -13.90 11.36 -0.12
C ARG A 223 -14.41 12.63 -0.80
N LYS A 224 -14.98 13.53 0.01
CA LYS A 224 -15.43 14.83 -0.48
C LYS A 224 -14.30 15.61 -1.14
N LEU A 225 -13.09 15.47 -0.59
CA LEU A 225 -11.91 16.17 -1.11
C LEU A 225 -11.27 15.50 -2.32
N GLY A 226 -11.83 14.38 -2.77
CA GLY A 226 -11.38 13.74 -4.00
C GLY A 226 -10.57 12.47 -3.82
N VAL A 227 -10.36 12.03 -2.59
CA VAL A 227 -9.73 10.74 -2.36
C VAL A 227 -10.56 9.63 -2.99
N ASN A 228 -9.89 8.74 -3.71
CA ASN A 228 -10.56 7.62 -4.35
C ASN A 228 -10.66 6.35 -3.49
N ALA A 229 -9.66 6.10 -2.66
CA ALA A 229 -9.65 4.90 -1.83
C ALA A 229 -8.82 5.15 -0.58
N PHE A 230 -8.94 4.21 0.35
CA PHE A 230 -8.37 4.34 1.68
C PHE A 230 -7.59 3.08 1.99
N LEU A 231 -6.28 3.22 2.20
N LEU A 231 -6.33 3.23 2.40
CA LEU A 231 -5.46 2.17 2.77
CA LEU A 231 -5.46 2.10 2.71
C LEU A 231 -5.56 2.24 4.28
C LEU A 231 -5.33 2.08 4.23
N ILE A 232 -6.05 1.17 4.89
CA ILE A 232 -6.25 1.20 6.34
C ILE A 232 -5.68 -0.04 7.01
N SER A 233 -4.88 0.16 8.06
N SER A 233 -4.78 0.17 7.97
CA SER A 233 -4.12 -0.94 8.67
CA SER A 233 -4.16 -0.92 8.73
C SER A 233 -4.53 -1.20 10.12
C SER A 233 -4.75 -1.05 10.12
N SER A 234 -3.98 -0.46 11.07
N SER A 234 -4.21 -0.30 11.08
CA SER A 234 -4.12 -0.79 12.49
CA SER A 234 -4.24 -0.76 12.46
C SER A 234 -5.56 -1.04 12.90
C SER A 234 -5.65 -0.81 13.04
N SER A 235 -6.46 -0.15 12.54
N SER A 235 -6.53 0.09 12.61
CA SER A 235 -7.80 -0.22 13.10
CA SER A 235 -7.95 -0.05 12.93
C SER A 235 -8.53 -1.47 12.62
C SER A 235 -8.44 -1.47 12.64
N LEU A 236 -8.21 -1.92 11.41
CA LEU A 236 -8.79 -3.15 10.88
C LEU A 236 -8.08 -4.41 11.38
N MET A 237 -6.76 -4.34 11.56
N MET A 237 -6.77 -4.30 11.59
CA MET A 237 -6.04 -5.46 12.17
CA MET A 237 -5.99 -5.39 12.18
C MET A 237 -6.52 -5.69 13.60
C MET A 237 -6.40 -5.65 13.62
N ARG A 238 -6.90 -4.62 14.30
CA ARG A 238 -7.39 -4.72 15.67
C ARG A 238 -8.88 -5.08 15.75
N ASN A 239 -9.69 -4.64 14.80
CA ASN A 239 -11.11 -4.94 14.81
C ASN A 239 -11.62 -5.03 13.37
N PRO A 240 -11.47 -6.21 12.74
CA PRO A 240 -11.81 -6.36 11.33
C PRO A 240 -13.20 -5.87 10.98
N GLU A 241 -14.17 -6.16 11.84
CA GLU A 241 -15.57 -5.84 11.52
C GLU A 241 -15.80 -4.33 11.37
N LYS A 242 -14.88 -3.51 11.86
CA LYS A 242 -14.99 -2.07 11.68
C LYS A 242 -15.14 -1.68 10.21
N ILE A 243 -14.61 -2.48 9.28
CA ILE A 243 -14.71 -2.08 7.88
C ILE A 243 -16.16 -1.88 7.46
N LYS A 244 -17.08 -2.65 8.03
CA LYS A 244 -18.48 -2.53 7.62
C LYS A 244 -19.03 -1.16 7.95
N GLU A 245 -18.74 -0.67 9.15
N GLU A 245 -18.68 -0.66 9.13
CA GLU A 245 -19.15 0.67 9.53
CA GLU A 245 -19.13 0.65 9.59
C GLU A 245 -18.52 1.68 8.58
C GLU A 245 -18.45 1.76 8.77
N LEU A 246 -17.22 1.51 8.34
CA LEU A 246 -16.49 2.49 7.55
C LEU A 246 -17.05 2.62 6.14
N ILE A 247 -17.65 1.55 5.65
N ILE A 247 -17.65 1.55 5.60
CA ILE A 247 -18.24 1.55 4.32
CA ILE A 247 -18.25 1.61 4.25
C ILE A 247 -19.66 2.09 4.34
C ILE A 247 -19.77 1.78 4.20
N GLU A 248 -20.44 1.69 5.34
CA GLU A 248 -21.89 1.90 5.34
C GLU A 248 -22.18 3.21 6.05
#